data_3CV0
#
_entry.id   3CV0
#
_cell.length_a   45.405
_cell.length_b   66.404
_cell.length_c   52.117
_cell.angle_alpha   90.00
_cell.angle_beta   104.47
_cell.angle_gamma   90.00
#
_symmetry.space_group_name_H-M   'P 1 21 1'
#
loop_
_entity.id
_entity.type
_entity.pdbx_description
1 polymer 'Peroxisome targeting signal 1 receptor PEX5'
2 polymer 'T. brucei PGI PTS1 peptide Ac-FNELSHL'
3 non-polymer 1,2-ETHANEDIOL
4 water water
#
loop_
_entity_poly.entity_id
_entity_poly.type
_entity_poly.pdbx_seq_one_letter_code
_entity_poly.pdbx_strand_id
1 'polypeptide(L)'
;GHMLQNNTDYPFEANNPYMYHENPMEEGLSMLKLANLAEAALAFEAVCQAAPEREEAWRSLGLTQAENEKDGLAIIALNH
ARMLDPKDIAVHAALAVSHTNEHNANAALASLRAWLLSQPQYEQLGSVNLQADVDIDDLNVQSEDFFFAAPNEYRECRTL
LHAALEMNPNDAQLHASLGVLYNLSNNYDSAAANLRRAVELRPDDAQLWNKLGATLANGNRPQEALDAYNRALDINPGYV
RVMYNMAVSYSNMSQYDLAAKQLVRAIYMQVGGTTPTGEASREATRSMWDFFRMLLNVMNRPDLVELTYAQNVEPFAKEF
GLQSMLL
;
A
2 'polypeptide(L)' FNELSHL B
#
loop_
_chem_comp.id
_chem_comp.type
_chem_comp.name
_chem_comp.formula
EDO non-polymer 1,2-ETHANEDIOL 'C2 H6 O2'
#
# COMPACT_ATOMS: atom_id res chain seq x y z
N GLY A 1 8.01 -17.69 -29.17
CA GLY A 1 8.20 -16.29 -29.59
C GLY A 1 7.97 -15.33 -28.44
N HIS A 2 8.74 -14.23 -28.42
CA HIS A 2 8.63 -13.19 -27.39
C HIS A 2 7.54 -12.19 -27.71
N MET A 3 6.98 -11.59 -26.66
CA MET A 3 5.96 -10.54 -26.74
C MET A 3 6.41 -9.36 -25.88
N LEU A 4 6.45 -8.17 -26.47
CA LEU A 4 6.99 -6.98 -25.80
C LEU A 4 5.94 -5.91 -25.46
N GLN A 5 4.69 -6.09 -25.88
CA GLN A 5 3.73 -4.96 -25.83
C GLN A 5 2.40 -5.19 -25.11
N ASN A 6 2.29 -6.26 -24.31
CA ASN A 6 1.22 -6.35 -23.34
C ASN A 6 1.62 -5.56 -22.08
N ASN A 7 1.96 -4.28 -22.26
CA ASN A 7 2.43 -3.43 -21.18
C ASN A 7 2.23 -1.94 -21.45
N THR A 8 1.47 -1.64 -22.50
CA THR A 8 1.35 -0.28 -23.00
CA THR A 8 1.35 -0.27 -23.00
C THR A 8 0.42 0.58 -22.12
N ASP A 9 -0.33 -0.05 -21.22
CA ASP A 9 -1.14 0.73 -20.27
C ASP A 9 -0.36 1.21 -19.02
N TYR A 10 0.88 0.76 -18.86
CA TYR A 10 1.68 1.08 -17.66
C TYR A 10 2.63 2.23 -18.03
N PRO A 11 2.64 3.32 -17.24
CA PRO A 11 3.56 4.42 -17.53
C PRO A 11 4.98 4.21 -17.00
N PHE A 12 5.76 3.45 -17.74
CA PHE A 12 7.11 3.12 -17.31
C PHE A 12 7.93 4.38 -17.09
N GLU A 13 8.75 4.37 -16.05
CA GLU A 13 9.68 5.47 -15.80
C GLU A 13 10.74 5.52 -16.91
N ALA A 14 11.01 6.73 -17.40
CA ALA A 14 11.79 6.94 -18.62
C ALA A 14 13.24 6.49 -18.56
N ASN A 15 13.99 6.93 -17.56
CA ASN A 15 15.44 6.68 -17.57
C ASN A 15 15.74 5.65 -16.51
N ASN A 16 15.53 4.40 -16.87
CA ASN A 16 15.62 3.31 -15.93
C ASN A 16 16.97 2.60 -16.12
N PRO A 17 17.91 2.81 -15.19
CA PRO A 17 19.21 2.18 -15.31
C PRO A 17 19.16 0.63 -15.17
N TYR A 18 18.10 0.10 -14.57
CA TYR A 18 17.96 -1.35 -14.47
C TYR A 18 17.76 -2.04 -15.83
N MET A 19 17.32 -1.31 -16.85
CA MET A 19 17.20 -1.86 -18.20
C MET A 19 18.57 -2.29 -18.79
N TYR A 20 19.68 -1.74 -18.26
CA TYR A 20 21.05 -2.10 -18.69
C TYR A 20 21.62 -3.30 -17.91
N HIS A 21 21.00 -3.66 -16.78
CA HIS A 21 21.51 -4.72 -15.93
C HIS A 21 21.16 -6.11 -16.45
N GLU A 22 21.94 -7.09 -16.02
CA GLU A 22 21.75 -8.47 -16.46
C GLU A 22 20.53 -9.14 -15.88
N ASN A 23 20.38 -9.07 -14.55
CA ASN A 23 19.29 -9.73 -13.83
C ASN A 23 18.54 -8.76 -12.91
N PRO A 24 17.77 -7.83 -13.50
CA PRO A 24 17.00 -6.87 -12.67
C PRO A 24 15.93 -7.51 -11.75
N MET A 25 15.40 -8.68 -12.11
CA MET A 25 14.45 -9.37 -11.22
CA MET A 25 14.46 -9.37 -11.23
C MET A 25 15.11 -9.71 -9.89
N GLU A 26 16.28 -10.34 -9.97
CA GLU A 26 17.09 -10.70 -8.80
CA GLU A 26 16.98 -10.70 -8.75
C GLU A 26 17.37 -9.46 -7.96
N GLU A 27 17.87 -8.41 -8.64
CA GLU A 27 18.16 -7.13 -7.96
C GLU A 27 16.93 -6.50 -7.27
N GLY A 28 15.77 -6.53 -7.93
CA GLY A 28 14.50 -6.06 -7.35
C GLY A 28 14.18 -6.83 -6.07
N LEU A 29 14.26 -8.15 -6.14
CA LEU A 29 14.06 -8.96 -4.96
C LEU A 29 15.04 -8.56 -3.88
N SER A 30 16.31 -8.32 -4.22
CA SER A 30 17.31 -7.88 -3.22
C SER A 30 16.96 -6.52 -2.61
N MET A 31 16.52 -5.61 -3.46
CA MET A 31 16.10 -4.27 -3.00
C MET A 31 14.88 -4.34 -2.06
N LEU A 32 13.98 -5.29 -2.34
CA LEU A 32 12.84 -5.54 -1.44
C LEU A 32 13.31 -6.02 -0.06
N LYS A 33 14.30 -6.91 -0.04
CA LYS A 33 14.80 -7.44 1.23
C LYS A 33 15.52 -6.34 1.99
N LEU A 34 16.03 -5.34 1.26
CA LEU A 34 16.63 -4.19 1.91
C LEU A 34 15.55 -3.17 2.34
N ALA A 35 14.31 -3.35 1.93
CA ALA A 35 13.26 -2.34 2.11
C ALA A 35 13.46 -1.04 1.29
N ASN A 36 14.16 -1.12 0.15
CA ASN A 36 14.26 0.01 -0.79
C ASN A 36 13.18 -0.16 -1.89
N LEU A 37 11.98 0.36 -1.64
CA LEU A 37 10.84 0.08 -2.51
C LEU A 37 10.95 0.81 -3.84
N ALA A 38 11.29 2.09 -3.82
CA ALA A 38 11.35 2.87 -5.06
C ALA A 38 12.33 2.20 -6.02
N GLU A 39 13.43 1.73 -5.46
CA GLU A 39 14.48 1.09 -6.23
C GLU A 39 13.98 -0.30 -6.70
N ALA A 40 13.40 -1.08 -5.78
CA ALA A 40 12.75 -2.33 -6.14
C ALA A 40 11.79 -2.14 -7.32
N ALA A 41 10.94 -1.11 -7.25
CA ALA A 41 9.97 -0.89 -8.31
C ALA A 41 10.62 -0.62 -9.68
N LEU A 42 11.68 0.17 -9.72
CA LEU A 42 12.39 0.40 -10.98
C LEU A 42 12.96 -0.88 -11.61
N ALA A 43 13.50 -1.79 -10.80
CA ALA A 43 14.06 -3.04 -11.28
C ALA A 43 12.96 -3.95 -11.83
N PHE A 44 11.84 -4.01 -11.12
CA PHE A 44 10.74 -4.78 -11.63
C PHE A 44 10.18 -4.15 -12.90
N GLU A 45 10.18 -2.82 -13.00
CA GLU A 45 9.74 -2.16 -14.23
C GLU A 45 10.57 -2.63 -15.42
N ALA A 46 11.89 -2.70 -15.21
CA ALA A 46 12.80 -3.18 -16.24
C ALA A 46 12.42 -4.57 -16.73
N VAL A 47 12.21 -5.51 -15.81
CA VAL A 47 11.72 -6.84 -16.16
C VAL A 47 10.38 -6.81 -16.94
N CYS A 48 9.42 -5.99 -16.50
CA CYS A 48 8.14 -5.86 -17.18
C CYS A 48 8.28 -5.18 -18.56
N GLN A 49 9.29 -4.34 -18.74
CA GLN A 49 9.57 -3.78 -20.07
C GLN A 49 10.18 -4.81 -21.01
N ALA A 50 11.05 -5.67 -20.48
CA ALA A 50 11.76 -6.67 -21.29
C ALA A 50 11.00 -7.98 -21.47
N ALA A 51 10.27 -8.38 -20.45
CA ALA A 51 9.67 -9.69 -20.41
C ALA A 51 8.29 -9.54 -19.78
N PRO A 52 7.39 -8.81 -20.46
CA PRO A 52 6.06 -8.53 -19.91
C PRO A 52 5.15 -9.76 -19.83
N GLU A 53 5.63 -10.92 -20.26
CA GLU A 53 4.95 -12.19 -20.03
C GLU A 53 5.32 -12.88 -18.70
N ARG A 54 6.26 -12.32 -17.96
CA ARG A 54 6.66 -12.88 -16.68
C ARG A 54 5.71 -12.39 -15.57
N GLU A 55 4.74 -13.25 -15.20
CA GLU A 55 3.75 -12.95 -14.16
C GLU A 55 4.35 -12.50 -12.83
N GLU A 56 5.45 -13.11 -12.42
CA GLU A 56 6.11 -12.82 -11.14
C GLU A 56 6.68 -11.39 -11.08
N ALA A 57 7.03 -10.85 -12.24
CA ALA A 57 7.55 -9.49 -12.34
C ALA A 57 6.44 -8.44 -12.12
N TRP A 58 5.30 -8.65 -12.76
CA TRP A 58 4.11 -7.82 -12.56
C TRP A 58 3.57 -7.95 -11.14
N ARG A 59 3.56 -9.16 -10.59
CA ARG A 59 3.12 -9.34 -9.21
C ARG A 59 4.03 -8.54 -8.27
N SER A 60 5.33 -8.75 -8.36
CA SER A 60 6.27 -8.04 -7.50
C SER A 60 6.15 -6.52 -7.68
N LEU A 61 6.04 -6.04 -8.92
CA LEU A 61 5.90 -4.60 -9.17
C LEU A 61 4.65 -4.06 -8.49
N GLY A 62 3.54 -4.77 -8.66
CA GLY A 62 2.29 -4.36 -8.07
C GLY A 62 2.37 -4.27 -6.59
N LEU A 63 2.95 -5.29 -5.97
CA LEU A 63 3.00 -5.36 -4.51
C LEU A 63 3.85 -4.21 -3.98
N THR A 64 4.99 -4.01 -4.63
CA THR A 64 5.91 -2.94 -4.24
C THR A 64 5.27 -1.56 -4.36
N GLN A 65 4.52 -1.32 -5.43
CA GLN A 65 3.94 -0.03 -5.71
C GLN A 65 2.92 0.34 -4.64
N ALA A 66 2.03 -0.58 -4.28
CA ALA A 66 1.04 -0.32 -3.23
C ALA A 66 1.72 -0.02 -1.87
N GLU A 67 2.77 -0.77 -1.54
CA GLU A 67 3.65 -0.41 -0.41
C GLU A 67 4.36 0.95 -0.54
N ASN A 68 4.59 1.41 -1.77
CA ASN A 68 5.21 2.72 -1.99
C ASN A 68 4.13 3.79 -2.30
N GLU A 69 2.90 3.51 -1.87
CA GLU A 69 1.84 4.51 -1.78
C GLU A 69 1.32 4.89 -3.18
N LYS A 70 1.39 3.95 -4.11
CA LYS A 70 0.96 4.17 -5.49
C LYS A 70 -0.02 3.06 -5.92
N ASP A 71 -1.25 3.13 -5.39
CA ASP A 71 -2.30 2.18 -5.73
C ASP A 71 -2.68 2.10 -7.22
N GLY A 72 -2.67 3.23 -7.91
CA GLY A 72 -3.10 3.22 -9.30
C GLY A 72 -2.15 2.36 -10.11
N LEU A 73 -0.85 2.57 -9.91
CA LEU A 73 0.16 1.79 -10.62
C LEU A 73 0.16 0.34 -10.13
N ALA A 74 -0.15 0.14 -8.84
CA ALA A 74 -0.30 -1.20 -8.30
C ALA A 74 -1.38 -1.98 -9.04
N ILE A 75 -2.53 -1.35 -9.23
CA ILE A 75 -3.67 -2.00 -9.89
C ILE A 75 -3.32 -2.31 -11.36
N ILE A 76 -2.63 -1.42 -12.06
CA ILE A 76 -2.25 -1.68 -13.46
C ILE A 76 -1.33 -2.89 -13.56
N ALA A 77 -0.32 -2.94 -12.70
CA ALA A 77 0.62 -4.04 -12.68
C ALA A 77 -0.06 -5.34 -12.28
N LEU A 78 -0.85 -5.29 -11.23
CA LEU A 78 -1.56 -6.48 -10.73
C LEU A 78 -2.56 -7.08 -11.73
N ASN A 79 -3.25 -6.24 -12.49
CA ASN A 79 -4.14 -6.73 -13.52
C ASN A 79 -3.43 -7.53 -14.60
N HIS A 80 -2.18 -7.17 -14.89
CA HIS A 80 -1.39 -7.97 -15.84
C HIS A 80 -1.13 -9.34 -15.21
N ALA A 81 -0.75 -9.34 -13.93
CA ALA A 81 -0.37 -10.57 -13.24
C ALA A 81 -1.59 -11.48 -13.17
N ARG A 82 -2.74 -10.86 -12.95
CA ARG A 82 -4.01 -11.57 -12.84
C ARG A 82 -4.36 -12.28 -14.16
N MET A 83 -4.06 -11.62 -15.27
CA MET A 83 -4.32 -12.19 -16.59
C MET A 83 -3.39 -13.37 -16.87
N LEU A 84 -2.11 -13.18 -16.54
CA LEU A 84 -1.10 -14.21 -16.73
C LEU A 84 -1.20 -15.38 -15.72
N ASP A 85 -1.76 -15.16 -14.53
CA ASP A 85 -2.04 -16.28 -13.60
C ASP A 85 -3.24 -16.00 -12.69
N PRO A 86 -4.46 -16.43 -13.10
CA PRO A 86 -5.69 -16.11 -12.34
C PRO A 86 -5.85 -16.83 -10.99
N LYS A 87 -4.91 -17.70 -10.67
CA LYS A 87 -4.93 -18.41 -9.41
C LYS A 87 -3.87 -17.84 -8.48
N ASP A 88 -3.17 -16.77 -8.86
CA ASP A 88 -2.17 -16.18 -7.96
C ASP A 88 -2.91 -15.38 -6.89
N ILE A 89 -2.98 -15.95 -5.69
CA ILE A 89 -3.96 -15.46 -4.72
C ILE A 89 -3.42 -14.19 -4.08
N ALA A 90 -2.09 -14.01 -4.09
CA ALA A 90 -1.48 -12.78 -3.60
C ALA A 90 -1.88 -11.58 -4.45
N VAL A 91 -2.05 -11.79 -5.74
CA VAL A 91 -2.47 -10.72 -6.67
C VAL A 91 -3.90 -10.29 -6.35
N HIS A 92 -4.78 -11.28 -6.12
CA HIS A 92 -6.14 -10.96 -5.75
C HIS A 92 -6.26 -10.25 -4.38
N ALA A 93 -5.48 -10.67 -3.40
CA ALA A 93 -5.53 -10.00 -2.10
C ALA A 93 -5.11 -8.55 -2.22
N ALA A 94 -4.05 -8.34 -2.98
CA ALA A 94 -3.52 -7.00 -3.20
C ALA A 94 -4.46 -6.12 -4.00
N LEU A 95 -5.12 -6.68 -4.99
CA LEU A 95 -6.10 -5.90 -5.76
C LEU A 95 -7.26 -5.43 -4.86
N ALA A 96 -7.73 -6.30 -3.97
CA ALA A 96 -8.77 -5.98 -2.99
C ALA A 96 -8.37 -4.80 -2.11
N VAL A 97 -7.15 -4.82 -1.62
CA VAL A 97 -6.62 -3.74 -0.82
C VAL A 97 -6.48 -2.43 -1.62
N SER A 98 -5.82 -2.46 -2.78
CA SER A 98 -5.66 -1.23 -3.54
C SER A 98 -7.00 -0.68 -4.03
N HIS A 99 -7.93 -1.56 -4.39
CA HIS A 99 -9.27 -1.09 -4.82
C HIS A 99 -10.08 -0.53 -3.65
N THR A 100 -9.92 -1.11 -2.47
CA THR A 100 -10.54 -0.56 -1.29
C THR A 100 -10.02 0.87 -1.06
N ASN A 101 -8.72 1.07 -1.12
CA ASN A 101 -8.15 2.41 -0.99
C ASN A 101 -8.69 3.35 -2.06
N GLU A 102 -8.81 2.86 -3.30
CA GLU A 102 -9.30 3.69 -4.41
C GLU A 102 -10.81 3.85 -4.39
N HIS A 103 -11.48 3.25 -3.42
CA HIS A 103 -12.92 3.26 -3.36
C HIS A 103 -13.54 2.74 -4.64
N ASN A 104 -12.99 1.65 -5.17
CA ASN A 104 -13.63 0.89 -6.24
C ASN A 104 -14.32 -0.32 -5.60
N ALA A 105 -15.56 -0.16 -5.16
CA ALA A 105 -16.22 -1.19 -4.31
C ALA A 105 -16.48 -2.52 -5.01
N ASN A 106 -16.98 -2.46 -6.24
CA ASN A 106 -17.27 -3.65 -7.03
C ASN A 106 -16.02 -4.46 -7.34
N ALA A 107 -14.95 -3.77 -7.74
CA ALA A 107 -13.67 -4.40 -8.01
C ALA A 107 -13.05 -4.98 -6.74
N ALA A 108 -13.18 -4.27 -5.61
CA ALA A 108 -12.65 -4.77 -4.36
C ALA A 108 -13.30 -6.10 -3.93
N LEU A 109 -14.62 -6.13 -3.99
CA LEU A 109 -15.38 -7.30 -3.61
C LEU A 109 -15.10 -8.47 -4.54
N ALA A 110 -15.07 -8.20 -5.85
CA ALA A 110 -14.68 -9.21 -6.82
C ALA A 110 -13.27 -9.76 -6.54
N SER A 111 -12.34 -8.90 -6.07
CA SER A 111 -10.97 -9.37 -5.79
C SER A 111 -10.94 -10.24 -4.52
N LEU A 112 -11.69 -9.87 -3.48
CA LEU A 112 -11.82 -10.73 -2.29
C LEU A 112 -12.46 -12.07 -2.62
N ARG A 113 -13.46 -12.02 -3.48
CA ARG A 113 -14.13 -13.22 -3.91
C ARG A 113 -13.17 -14.17 -4.66
N ALA A 114 -12.37 -13.60 -5.58
CA ALA A 114 -11.41 -14.40 -6.34
C ALA A 114 -10.29 -14.90 -5.42
N TRP A 115 -9.88 -14.06 -4.47
CA TRP A 115 -8.92 -14.48 -3.46
C TRP A 115 -9.37 -15.76 -2.76
N LEU A 116 -10.62 -15.81 -2.32
CA LEU A 116 -11.11 -16.99 -1.59
C LEU A 116 -11.22 -18.20 -2.52
N LEU A 117 -12.11 -18.08 -3.51
CA LEU A 117 -12.49 -19.21 -4.38
C LEU A 117 -11.37 -19.72 -5.32
N SER A 118 -10.29 -18.94 -5.48
CA SER A 118 -9.09 -19.44 -6.19
C SER A 118 -8.27 -20.44 -5.37
N GLN A 119 -8.49 -20.52 -4.06
CA GLN A 119 -7.75 -21.49 -3.24
C GLN A 119 -8.49 -22.83 -3.17
N PRO A 120 -7.82 -23.94 -3.54
CA PRO A 120 -8.52 -25.24 -3.55
C PRO A 120 -9.19 -25.62 -2.21
N GLN A 121 -8.65 -25.17 -1.08
CA GLN A 121 -9.25 -25.47 0.23
C GLN A 121 -10.63 -24.84 0.45
N TYR A 122 -10.94 -23.77 -0.27
CA TYR A 122 -12.24 -23.07 -0.12
C TYR A 122 -13.14 -23.10 -1.37
N GLU A 123 -12.65 -23.60 -2.50
CA GLU A 123 -13.41 -23.49 -3.76
C GLU A 123 -14.77 -24.18 -3.74
N GLN A 124 -14.96 -25.13 -2.82
CA GLN A 124 -16.26 -25.81 -2.67
C GLN A 124 -17.41 -24.85 -2.26
N LEU A 125 -17.08 -23.72 -1.65
CA LEU A 125 -18.11 -22.82 -1.13
C LEU A 125 -19.04 -22.26 -2.21
N PHE A 146 -27.21 -2.49 4.44
CA PHE A 146 -27.24 -2.15 3.03
C PHE A 146 -25.96 -1.42 2.59
N PHE A 147 -25.06 -2.17 1.97
CA PHE A 147 -23.85 -1.56 1.44
C PHE A 147 -24.21 -1.05 0.04
N PHE A 148 -24.45 0.24 -0.02
CA PHE A 148 -25.13 0.87 -1.16
C PHE A 148 -24.45 0.61 -2.52
N ALA A 149 -23.13 0.77 -2.58
CA ALA A 149 -22.41 0.70 -3.85
C ALA A 149 -22.48 -0.69 -4.52
N ALA A 150 -22.57 -1.74 -3.72
CA ALA A 150 -22.55 -3.11 -4.27
C ALA A 150 -23.12 -4.06 -3.21
N PRO A 151 -24.41 -3.90 -2.90
CA PRO A 151 -25.07 -4.53 -1.75
C PRO A 151 -25.08 -6.07 -1.68
N ASN A 152 -25.49 -6.77 -2.74
CA ASN A 152 -25.51 -8.24 -2.68
C ASN A 152 -24.10 -8.85 -2.86
N GLU A 153 -23.23 -8.17 -3.60
CA GLU A 153 -21.84 -8.58 -3.72
C GLU A 153 -21.19 -8.55 -2.34
N TYR A 154 -21.44 -7.50 -1.56
CA TYR A 154 -20.89 -7.36 -0.22
C TYR A 154 -21.39 -8.46 0.70
N ARG A 155 -22.70 -8.72 0.67
CA ARG A 155 -23.31 -9.75 1.49
C ARG A 155 -22.75 -11.13 1.12
N GLU A 156 -22.60 -11.40 -0.18
CA GLU A 156 -22.00 -12.67 -0.62
C GLU A 156 -20.55 -12.82 -0.15
N CYS A 157 -19.78 -11.74 -0.20
CA CYS A 157 -18.39 -11.79 0.30
C CYS A 157 -18.34 -12.05 1.80
N ARG A 158 -19.20 -11.37 2.55
CA ARG A 158 -19.28 -11.58 4.00
C ARG A 158 -19.60 -13.04 4.32
N THR A 159 -20.55 -13.58 3.57
CA THR A 159 -21.03 -14.92 3.82
C THR A 159 -19.96 -15.94 3.54
N LEU A 160 -19.34 -15.82 2.36
CA LEU A 160 -18.23 -16.70 1.95
C LEU A 160 -17.13 -16.71 3.01
N LEU A 161 -16.69 -15.52 3.42
CA LEU A 161 -15.58 -15.40 4.37
C LEU A 161 -15.94 -16.03 5.70
N HIS A 162 -17.17 -15.80 6.17
CA HIS A 162 -17.63 -16.46 7.41
C HIS A 162 -17.71 -17.96 7.30
N ALA A 163 -18.22 -18.46 6.17
CA ALA A 163 -18.24 -19.90 5.90
C ALA A 163 -16.81 -20.48 5.91
N ALA A 164 -15.87 -19.73 5.32
CA ALA A 164 -14.49 -20.14 5.26
C ALA A 164 -13.87 -20.22 6.64
N LEU A 165 -14.24 -19.28 7.50
CA LEU A 165 -13.68 -19.19 8.85
C LEU A 165 -14.19 -20.35 9.72
N GLU A 166 -15.40 -20.82 9.46
CA GLU A 166 -15.85 -22.03 10.16
C GLU A 166 -15.20 -23.32 9.64
N MET A 167 -14.72 -23.34 8.40
CA MET A 167 -13.91 -24.48 7.96
C MET A 167 -12.44 -24.37 8.40
N ASN A 168 -11.93 -23.13 8.52
CA ASN A 168 -10.51 -22.88 8.86
C ASN A 168 -10.40 -21.77 9.91
N PRO A 169 -10.86 -22.05 11.14
CA PRO A 169 -10.80 -21.06 12.21
C PRO A 169 -9.36 -20.72 12.55
N ASN A 170 -9.15 -19.52 13.07
CA ASN A 170 -7.81 -19.05 13.42
C ASN A 170 -6.90 -18.95 12.24
N ASP A 171 -7.45 -18.54 11.11
CA ASP A 171 -6.64 -18.28 9.96
C ASP A 171 -6.40 -16.79 9.89
N ALA A 172 -5.13 -16.38 9.89
CA ALA A 172 -4.83 -14.94 9.90
C ALA A 172 -5.37 -14.20 8.66
N GLN A 173 -5.27 -14.81 7.48
CA GLN A 173 -5.61 -14.13 6.22
C GLN A 173 -7.13 -14.02 5.97
N LEU A 174 -7.90 -14.97 6.50
CA LEU A 174 -9.35 -14.84 6.51
C LEU A 174 -9.75 -13.67 7.41
N HIS A 175 -9.11 -13.55 8.56
CA HIS A 175 -9.41 -12.45 9.44
C HIS A 175 -8.97 -11.11 8.83
N ALA A 176 -7.81 -11.10 8.18
CA ALA A 176 -7.35 -9.90 7.47
C ALA A 176 -8.34 -9.55 6.37
N SER A 177 -8.77 -10.54 5.60
CA SER A 177 -9.69 -10.32 4.47
C SER A 177 -11.06 -9.77 4.91
N LEU A 178 -11.55 -10.23 6.07
CA LEU A 178 -12.74 -9.69 6.74
C LEU A 178 -12.48 -8.24 7.19
N GLY A 179 -11.26 -7.96 7.64
CA GLY A 179 -10.83 -6.61 7.92
C GLY A 179 -10.99 -5.67 6.74
N VAL A 180 -10.49 -6.08 5.58
CA VAL A 180 -10.64 -5.30 4.34
C VAL A 180 -12.10 -5.14 3.95
N LEU A 181 -12.85 -6.25 3.95
CA LEU A 181 -14.30 -6.18 3.70
C LEU A 181 -15.00 -5.14 4.56
N TYR A 182 -14.77 -5.19 5.86
CA TYR A 182 -15.40 -4.24 6.79
C TYR A 182 -14.84 -2.81 6.70
N ASN A 183 -13.62 -2.64 6.20
CA ASN A 183 -13.16 -1.29 5.86
C ASN A 183 -14.00 -0.69 4.77
N LEU A 184 -14.34 -1.51 3.77
CA LEU A 184 -15.12 -1.07 2.62
C LEU A 184 -16.47 -0.48 3.05
N SER A 185 -17.12 -1.11 4.03
CA SER A 185 -18.42 -0.63 4.54
C SER A 185 -18.35 0.29 5.76
N ASN A 186 -17.14 0.77 6.09
CA ASN A 186 -16.91 1.61 7.25
C ASN A 186 -17.31 0.99 8.60
N ASN A 187 -17.31 -0.33 8.68
CA ASN A 187 -17.55 -0.98 9.97
CA ASN A 187 -17.55 -1.03 9.95
C ASN A 187 -16.21 -1.20 10.64
N TYR A 188 -15.63 -0.10 11.11
CA TYR A 188 -14.25 -0.08 11.61
C TYR A 188 -14.07 -0.88 12.88
N ASP A 189 -15.14 -0.99 13.67
CA ASP A 189 -15.10 -1.75 14.90
C ASP A 189 -14.87 -3.25 14.59
N SER A 190 -15.69 -3.81 13.71
CA SER A 190 -15.52 -5.20 13.30
C SER A 190 -14.23 -5.46 12.51
N ALA A 191 -13.83 -4.48 11.71
CA ALA A 191 -12.61 -4.59 10.93
C ALA A 191 -11.42 -4.67 11.87
N ALA A 192 -11.38 -3.79 12.87
CA ALA A 192 -10.32 -3.75 13.88
C ALA A 192 -10.17 -5.03 14.65
N ALA A 193 -11.29 -5.62 15.07
CA ALA A 193 -11.30 -6.84 15.87
C ALA A 193 -10.68 -7.98 15.09
N ASN A 194 -11.14 -8.15 13.85
CA ASN A 194 -10.61 -9.13 12.94
C ASN A 194 -9.11 -8.94 12.61
N LEU A 195 -8.71 -7.70 12.31
CA LEU A 195 -7.30 -7.43 12.01
C LEU A 195 -6.46 -7.56 13.27
N ARG A 196 -7.06 -7.24 14.43
CA ARG A 196 -6.39 -7.41 15.71
C ARG A 196 -6.04 -8.89 15.90
N ARG A 197 -7.01 -9.74 15.63
CA ARG A 197 -6.83 -11.18 15.63
CA ARG A 197 -6.77 -11.17 15.67
C ARG A 197 -5.73 -11.63 14.67
N ALA A 198 -5.75 -11.05 13.46
CA ALA A 198 -4.78 -11.44 12.44
C ALA A 198 -3.35 -11.10 12.88
N VAL A 199 -3.13 -9.92 13.50
CA VAL A 199 -1.78 -9.55 13.95
C VAL A 199 -1.39 -10.38 15.19
N GLU A 200 -2.34 -10.75 16.04
CA GLU A 200 -2.01 -11.63 17.20
C GLU A 200 -1.45 -12.96 16.70
N LEU A 201 -1.97 -13.42 15.57
CA LEU A 201 -1.55 -14.66 14.93
C LEU A 201 -0.29 -14.52 14.08
N ARG A 202 -0.06 -13.33 13.53
CA ARG A 202 1.12 -13.05 12.68
C ARG A 202 1.76 -11.69 13.00
N PRO A 203 2.37 -11.56 14.21
CA PRO A 203 2.91 -10.27 14.72
C PRO A 203 4.17 -9.70 14.04
N ASP A 204 4.75 -10.44 13.09
CA ASP A 204 5.88 -9.95 12.33
CA ASP A 204 5.89 -9.94 12.33
C ASP A 204 5.45 -9.63 10.89
N ASP A 205 4.13 -9.62 10.63
CA ASP A 205 3.62 -9.28 9.31
C ASP A 205 3.34 -7.77 9.31
N ALA A 206 4.23 -7.02 8.66
CA ALA A 206 4.16 -5.54 8.61
C ALA A 206 2.84 -5.02 7.98
N GLN A 207 2.36 -5.72 6.96
CA GLN A 207 1.14 -5.32 6.25
C GLN A 207 -0.12 -5.37 7.10
N LEU A 208 -0.15 -6.39 7.94
CA LEU A 208 -1.22 -6.65 8.89
C LEU A 208 -1.34 -5.55 9.97
N TRP A 209 -0.20 -5.18 10.54
CA TRP A 209 -0.09 -4.02 11.43
C TRP A 209 -0.52 -2.74 10.71
N ASN A 210 -0.05 -2.53 9.49
CA ASN A 210 -0.45 -1.35 8.73
C ASN A 210 -1.94 -1.34 8.51
N LYS A 211 -2.47 -2.49 8.09
CA LYS A 211 -3.90 -2.62 7.85
C LYS A 211 -4.69 -2.34 9.11
N LEU A 212 -4.22 -2.86 10.25
CA LEU A 212 -4.87 -2.59 11.52
C LEU A 212 -4.78 -1.09 11.85
N GLY A 213 -3.60 -0.48 11.71
CA GLY A 213 -3.43 0.97 11.94
C GLY A 213 -4.37 1.87 11.14
N ALA A 214 -4.41 1.67 9.81
CA ALA A 214 -5.32 2.40 8.89
C ALA A 214 -6.80 2.25 9.28
N THR A 215 -7.15 1.04 9.69
CA THR A 215 -8.50 0.76 10.17
C THR A 215 -8.78 1.59 11.41
N LEU A 216 -7.87 1.60 12.37
CA LEU A 216 -8.09 2.35 13.60
C LEU A 216 -8.15 3.84 13.32
N ALA A 217 -7.23 4.32 12.47
CA ALA A 217 -7.18 5.73 12.06
C ALA A 217 -8.46 6.16 11.38
N ASN A 218 -8.90 5.38 10.40
CA ASN A 218 -10.12 5.69 9.69
C ASN A 218 -11.33 5.64 10.62
N GLY A 219 -11.25 4.88 11.71
CA GLY A 219 -12.32 4.81 12.71
C GLY A 219 -12.11 5.75 13.90
N ASN A 220 -11.31 6.79 13.71
CA ASN A 220 -11.06 7.86 14.69
C ASN A 220 -10.34 7.40 15.94
N ARG A 221 -9.41 6.48 15.75
CA ARG A 221 -8.52 6.04 16.79
C ARG A 221 -7.05 6.22 16.38
N PRO A 222 -6.61 7.46 16.13
CA PRO A 222 -5.23 7.69 15.66
C PRO A 222 -4.13 7.33 16.64
N GLN A 223 -4.36 7.51 17.94
CA GLN A 223 -3.29 7.21 18.91
C GLN A 223 -2.97 5.72 18.89
N GLU A 224 -3.99 4.89 18.91
CA GLU A 224 -3.83 3.44 18.78
C GLU A 224 -3.26 3.06 17.42
N ALA A 225 -3.70 3.76 16.36
CA ALA A 225 -3.15 3.55 15.04
C ALA A 225 -1.62 3.71 15.03
N LEU A 226 -1.13 4.73 15.71
CA LEU A 226 0.31 5.05 15.71
C LEU A 226 1.12 3.94 16.38
N ASP A 227 0.55 3.33 17.41
CA ASP A 227 1.17 2.12 18.00
C ASP A 227 1.33 0.99 16.97
N ALA A 228 0.32 0.76 16.16
CA ALA A 228 0.36 -0.26 15.12
C ALA A 228 1.37 0.09 14.02
N TYR A 229 1.37 1.36 13.59
CA TYR A 229 2.37 1.82 12.59
C TYR A 229 3.82 1.69 13.09
N ASN A 230 4.07 2.05 14.34
CA ASN A 230 5.41 1.82 14.88
C ASN A 230 5.81 0.36 14.78
N ARG A 231 4.91 -0.56 15.13
CA ARG A 231 5.24 -1.98 15.00
C ARG A 231 5.52 -2.32 13.54
N ALA A 232 4.71 -1.77 12.63
CA ALA A 232 4.92 -2.00 11.19
C ALA A 232 6.28 -1.47 10.73
N LEU A 233 6.67 -0.30 11.22
CA LEU A 233 7.94 0.29 10.82
C LEU A 233 9.13 -0.42 11.41
N ASP A 234 9.01 -0.90 12.63
CA ASP A 234 10.08 -1.66 13.24
C ASP A 234 10.33 -2.93 12.38
N ILE A 235 9.27 -3.51 11.82
CA ILE A 235 9.43 -4.67 10.91
C ILE A 235 10.01 -4.31 9.54
N ASN A 236 9.45 -3.28 8.92
CA ASN A 236 9.84 -2.89 7.57
C ASN A 236 10.08 -1.38 7.57
N PRO A 237 11.34 -0.97 7.76
CA PRO A 237 11.63 0.47 7.90
C PRO A 237 11.58 1.29 6.61
N GLY A 238 11.39 0.64 5.46
CA GLY A 238 11.22 1.35 4.17
C GLY A 238 9.78 1.31 3.67
N TYR A 239 8.84 1.05 4.58
CA TYR A 239 7.42 0.90 4.24
C TYR A 239 6.79 2.31 4.20
N VAL A 240 6.85 2.90 3.00
CA VAL A 240 6.49 4.28 2.77
C VAL A 240 5.00 4.54 3.03
N ARG A 241 4.15 3.62 2.66
CA ARG A 241 2.74 3.74 3.00
C ARG A 241 2.50 3.90 4.54
N VAL A 242 3.23 3.16 5.37
CA VAL A 242 3.12 3.35 6.84
C VAL A 242 3.56 4.77 7.22
N MET A 243 4.68 5.21 6.66
CA MET A 243 5.18 6.59 6.85
C MET A 243 4.13 7.63 6.52
N TYR A 244 3.55 7.53 5.32
CA TYR A 244 2.40 8.36 4.95
C TYR A 244 1.28 8.30 6.00
N ASN A 245 0.87 7.09 6.36
CA ASN A 245 -0.22 6.88 7.30
C ASN A 245 0.10 7.49 8.69
N MET A 246 1.34 7.44 9.13
CA MET A 246 1.74 8.12 10.37
C MET A 246 1.58 9.63 10.24
N ALA A 247 2.06 10.21 9.14
CA ALA A 247 1.80 11.64 8.85
C ALA A 247 0.32 11.98 9.02
N VAL A 248 -0.52 11.17 8.38
CA VAL A 248 -1.97 11.35 8.44
C VAL A 248 -2.50 11.30 9.87
N SER A 249 -2.08 10.32 10.67
CA SER A 249 -2.64 10.20 12.03
C SER A 249 -2.18 11.38 12.91
N TYR A 250 -0.90 11.76 12.78
CA TYR A 250 -0.35 12.90 13.49
C TYR A 250 -1.10 14.19 13.11
N SER A 251 -1.32 14.38 11.82
CA SER A 251 -2.06 15.53 11.32
C SER A 251 -3.51 15.50 11.86
N ASN A 252 -4.12 14.31 11.88
CA ASN A 252 -5.48 14.16 12.43
C ASN A 252 -5.55 14.54 13.92
N MET A 253 -4.46 14.35 14.64
CA MET A 253 -4.38 14.72 16.05
CA MET A 253 -4.36 14.71 16.05
C MET A 253 -3.77 16.13 16.25
N SER A 254 -3.54 16.85 15.15
CA SER A 254 -2.96 18.22 15.15
C SER A 254 -1.55 18.30 15.73
N GLN A 255 -0.77 17.25 15.54
CA GLN A 255 0.61 17.21 16.02
C GLN A 255 1.49 17.42 14.81
N TYR A 256 1.67 18.68 14.42
CA TYR A 256 2.18 19.02 13.08
C TYR A 256 3.70 18.92 12.96
N ASP A 257 4.45 19.10 14.06
CA ASP A 257 5.88 18.79 14.03
C ASP A 257 6.10 17.33 13.69
N LEU A 258 5.37 16.45 14.35
CA LEU A 258 5.48 15.00 14.15
C LEU A 258 4.96 14.59 12.76
N ALA A 259 3.87 15.22 12.33
CA ALA A 259 3.33 15.02 11.00
C ALA A 259 4.35 15.41 9.92
N ALA A 260 4.87 16.63 10.04
CA ALA A 260 5.85 17.17 9.12
C ALA A 260 7.09 16.30 9.03
N LYS A 261 7.61 15.86 10.17
CA LYS A 261 8.81 15.00 10.16
C LYS A 261 8.60 13.64 9.43
N GLN A 262 7.47 12.98 9.69
CA GLN A 262 7.13 11.76 9.00
C GLN A 262 6.82 11.96 7.50
N LEU A 263 6.16 13.06 7.17
CA LEU A 263 5.79 13.33 5.78
C LEU A 263 7.07 13.57 4.95
N VAL A 264 8.05 14.25 5.53
CA VAL A 264 9.32 14.49 4.84
C VAL A 264 10.04 13.14 4.63
N ARG A 265 10.06 12.31 5.66
CA ARG A 265 10.58 10.96 5.51
C ARG A 265 9.93 10.22 4.34
N ALA A 266 8.60 10.25 4.30
CA ALA A 266 7.79 9.55 3.27
C ALA A 266 8.08 10.00 1.87
N ILE A 267 8.18 11.33 1.69
CA ILE A 267 8.45 11.89 0.37
C ILE A 267 9.81 11.42 -0.09
N TYR A 268 10.83 11.63 0.74
CA TYR A 268 12.21 11.24 0.46
C TYR A 268 12.34 9.77 0.08
N MET A 269 11.72 8.91 0.87
CA MET A 269 11.75 7.47 0.64
C MET A 269 10.94 7.08 -0.61
N GLN A 270 9.82 7.75 -0.83
CA GLN A 270 8.96 7.39 -1.95
C GLN A 270 9.70 7.55 -3.28
N VAL A 271 10.47 8.64 -3.39
CA VAL A 271 11.17 8.95 -4.62
C VAL A 271 12.52 8.24 -4.68
N GLY A 272 12.91 7.56 -3.61
CA GLY A 272 14.12 6.75 -3.59
C GLY A 272 15.32 7.60 -3.27
N GLY A 273 15.11 8.55 -2.35
CA GLY A 273 16.10 9.56 -2.01
C GLY A 273 16.76 10.17 -3.23
N THR A 274 18.06 9.87 -3.39
CA THR A 274 18.85 10.29 -4.56
C THR A 274 18.43 9.56 -5.85
N THR A 275 17.76 10.28 -6.75
CA THR A 275 17.27 9.69 -7.99
C THR A 275 16.96 10.77 -9.03
N SER A 281 7.22 13.18 -13.46
CA SER A 281 6.52 11.92 -13.32
C SER A 281 6.15 11.68 -11.85
N ARG A 282 5.66 12.75 -11.19
CA ARG A 282 5.45 12.75 -9.73
C ARG A 282 4.02 12.37 -9.26
N GLU A 283 3.10 13.33 -9.31
CA GLU A 283 1.65 13.11 -9.12
C GLU A 283 1.23 12.57 -7.76
N ALA A 284 1.60 11.33 -7.46
CA ALA A 284 1.39 10.77 -6.13
C ALA A 284 2.15 11.68 -5.17
N THR A 285 3.38 11.97 -5.57
CA THR A 285 4.23 12.91 -4.82
C THR A 285 3.66 14.33 -4.74
N ARG A 286 3.06 14.82 -5.83
CA ARG A 286 2.56 16.19 -5.88
C ARG A 286 1.45 16.45 -4.89
N SER A 287 0.55 15.50 -4.67
CA SER A 287 -0.43 15.67 -3.58
C SER A 287 0.16 15.57 -2.15
N MET A 288 1.19 14.76 -1.96
CA MET A 288 1.89 14.74 -0.67
C MET A 288 2.57 16.07 -0.41
N TRP A 289 3.15 16.66 -1.46
CA TRP A 289 3.75 18.00 -1.33
C TRP A 289 2.68 19.06 -1.02
N ASP A 290 1.48 18.90 -1.57
CA ASP A 290 0.41 19.88 -1.36
C ASP A 290 -0.10 19.72 0.08
N PHE A 291 -0.24 18.46 0.52
CA PHE A 291 -0.56 18.11 1.90
C PHE A 291 0.49 18.70 2.87
N PHE A 292 1.76 18.53 2.55
CA PHE A 292 2.84 19.12 3.32
C PHE A 292 2.71 20.67 3.35
N ARG A 293 2.31 21.27 2.25
CA ARG A 293 2.09 22.72 2.23
C ARG A 293 1.01 23.14 3.25
N MET A 294 -0.08 22.39 3.30
CA MET A 294 -1.14 22.65 4.27
C MET A 294 -0.66 22.58 5.72
N LEU A 295 0.21 21.62 6.01
CA LEU A 295 0.83 21.49 7.35
C LEU A 295 1.68 22.71 7.66
N LEU A 296 2.52 23.09 6.72
CA LEU A 296 3.41 24.24 6.90
C LEU A 296 2.61 25.55 7.10
N ASN A 297 1.49 25.66 6.40
CA ASN A 297 0.60 26.82 6.55
C ASN A 297 -0.03 26.86 7.94
N VAL A 298 -0.59 25.74 8.37
CA VAL A 298 -1.29 25.69 9.67
C VAL A 298 -0.34 25.98 10.85
N MET A 299 0.93 25.58 10.68
CA MET A 299 1.96 25.82 11.70
C MET A 299 2.57 27.22 11.58
N ASN A 300 1.97 28.07 10.77
CA ASN A 300 2.41 29.45 10.65
C ASN A 300 3.86 29.59 10.15
N ARG A 301 4.21 28.84 9.12
CA ARG A 301 5.52 28.95 8.50
C ARG A 301 5.41 29.29 7.03
N PRO A 302 5.16 30.58 6.73
CA PRO A 302 4.99 30.97 5.35
C PRO A 302 6.29 30.91 4.54
N ASP A 303 7.45 31.02 5.21
CA ASP A 303 8.74 30.82 4.54
C ASP A 303 8.90 29.39 4.03
N LEU A 304 8.45 28.42 4.83
CA LEU A 304 8.59 27.02 4.50
C LEU A 304 7.60 26.68 3.40
N VAL A 305 6.41 27.25 3.50
CA VAL A 305 5.36 27.12 2.47
C VAL A 305 5.85 27.47 1.09
N GLU A 306 6.48 28.62 0.97
CA GLU A 306 7.07 29.08 -0.29
C GLU A 306 8.07 28.07 -0.87
N LEU A 307 8.76 27.36 0.00
CA LEU A 307 9.77 26.39 -0.42
C LEU A 307 9.19 25.11 -1.02
N THR A 308 7.95 24.78 -0.68
CA THR A 308 7.33 23.53 -1.13
C THR A 308 7.07 23.52 -2.62
N TYR A 309 6.90 24.71 -3.21
CA TYR A 309 6.56 24.81 -4.62
C TYR A 309 7.66 24.17 -5.47
N ALA A 310 8.93 24.30 -5.03
CA ALA A 310 10.09 23.75 -5.75
C ALA A 310 10.28 22.23 -5.61
N GLN A 311 9.61 21.65 -4.62
CA GLN A 311 9.55 20.19 -4.38
C GLN A 311 10.90 19.47 -4.24
N ASN A 312 11.81 20.13 -3.53
CA ASN A 312 13.08 19.57 -3.09
C ASN A 312 12.99 19.30 -1.57
N VAL A 313 13.35 18.08 -1.18
CA VAL A 313 13.27 17.60 0.21
C VAL A 313 14.25 18.28 1.16
N GLU A 314 15.46 18.60 0.68
CA GLU A 314 16.58 19.02 1.56
C GLU A 314 16.28 20.13 2.58
N PRO A 315 15.70 21.25 2.13
CA PRO A 315 15.41 22.33 3.07
C PRO A 315 14.60 21.86 4.27
N PHE A 316 13.69 20.93 4.01
CA PHE A 316 12.79 20.50 5.03
C PHE A 316 13.45 19.41 5.88
N ALA A 317 14.28 18.59 5.24
CA ALA A 317 15.05 17.58 5.94
C ALA A 317 15.93 18.27 6.99
N LYS A 318 16.59 19.37 6.58
CA LYS A 318 17.41 20.20 7.47
C LYS A 318 16.57 20.95 8.50
N GLU A 319 15.61 21.74 8.04
CA GLU A 319 14.71 22.42 8.97
C GLU A 319 14.11 21.50 10.04
N PHE A 320 13.80 20.26 9.69
CA PHE A 320 13.06 19.37 10.61
C PHE A 320 13.95 18.35 11.34
N GLY A 321 15.27 18.53 11.24
CA GLY A 321 16.21 17.73 12.01
C GLY A 321 16.55 16.35 11.46
N LEU A 322 16.11 16.04 10.24
CA LEU A 322 16.34 14.73 9.66
C LEU A 322 17.71 14.65 9.00
N GLN A 323 18.27 15.80 8.61
CA GLN A 323 19.57 15.91 7.94
C GLN A 323 20.39 17.14 8.39
N SER A 324 21.72 16.94 8.51
CA SER A 324 22.80 17.96 8.31
C SER A 324 22.71 19.40 8.81
N MET A 325 22.45 20.31 7.87
CA MET A 325 22.87 21.72 7.90
C MET A 325 24.35 21.87 7.49
N ASN B 2 -11.24 14.59 9.11
CA ASN B 2 -9.81 14.16 9.09
C ASN B 2 -9.33 13.52 7.75
N GLU B 3 -8.03 13.26 7.62
CA GLU B 3 -7.45 12.72 6.36
C GLU B 3 -7.53 11.16 6.39
N LEU B 4 -7.59 10.57 5.21
CA LEU B 4 -7.75 9.13 5.04
C LEU B 4 -6.43 8.32 5.06
N SER B 5 -6.49 7.17 5.74
CA SER B 5 -5.36 6.28 5.83
C SER B 5 -5.59 5.10 4.89
N HIS B 6 -4.50 4.51 4.42
CA HIS B 6 -4.58 3.48 3.38
C HIS B 6 -4.12 2.12 3.86
N LEU B 7 -4.89 1.12 3.48
CA LEU B 7 -4.57 -0.28 3.79
C LEU B 7 -3.38 -0.80 3.00
C1 EDO C . -1.66 30.46 8.50
O1 EDO C . -2.25 29.57 9.42
C2 EDO C . -2.77 31.34 7.90
O2 EDO C . -2.78 31.20 6.48
C1 EDO D . -6.83 6.38 19.90
O1 EDO D . -7.54 5.28 20.47
C2 EDO D . -7.67 7.63 20.03
O2 EDO D . -7.00 8.68 19.35
C1 EDO E . 21.11 4.15 -24.50
O1 EDO E . 21.09 2.75 -24.77
C2 EDO E . 22.29 4.45 -23.57
O2 EDO E . 21.87 5.28 -22.48
C1 EDO F . 23.54 -9.54 -11.77
O1 EDO F . 22.95 -10.67 -12.44
C2 EDO F . 22.46 -8.48 -11.51
O2 EDO F . 22.22 -7.66 -12.67
C1 EDO G . -9.24 -9.24 -9.01
O1 EDO G . -9.31 -10.53 -8.48
C2 EDO G . -10.63 -8.78 -9.44
O2 EDO G . -10.73 -7.36 -9.30
C1 EDO H . 0.19 -2.71 1.65
O1 EDO H . -0.09 -1.85 2.74
C2 EDO H . -0.25 -1.98 0.38
O2 EDO H . -1.63 -1.60 0.43
C1 EDO I . -2.14 -8.51 0.74
O1 EDO I . -1.16 -9.55 0.81
C2 EDO I . -1.49 -7.32 0.05
O2 EDO I . -1.76 -6.12 0.79
C1 EDO J . -11.26 2.22 3.78
O1 EDO J . -10.08 2.52 2.98
C2 EDO J . -12.34 3.28 3.56
O2 EDO J . -13.62 2.89 4.07
C1 EDO K . -0.23 28.79 1.60
O1 EDO K . -0.09 29.70 0.50
C2 EDO K . -1.62 28.91 2.22
O2 EDO K . -2.57 29.34 1.25
C1 EDO L . -5.88 -8.79 3.57
O1 EDO L . -5.20 -7.97 2.61
C2 EDO L . -5.45 -10.25 3.39
O2 EDO L . -4.05 -10.36 3.56
C1 EDO M . 4.58 -15.77 -24.10
O1 EDO M . 4.42 -14.37 -24.32
C2 EDO M . 5.24 -16.42 -25.32
O2 EDO M . 6.66 -16.54 -25.13
C1 EDO N . 7.90 -6.78 -0.04
O1 EDO N . 7.97 -5.50 0.62
C2 EDO N . 6.43 -7.17 -0.24
O2 EDO N . 6.08 -7.01 -1.62
#